data_3Q9U
#
_entry.id   3Q9U
#
_cell.length_a   53.901
_cell.length_b   57.620
_cell.length_c   58.230
_cell.angle_alpha   89.96
_cell.angle_beta   90.14
_cell.angle_gamma   113.44
#
_symmetry.space_group_name_H-M   'P 1'
#
loop_
_entity.id
_entity.type
_entity.pdbx_description
1 polymer 'CoA binding protein'
2 polymer 'consensus ankyrin repeat'
3 non-polymer 'COENZYME A'
#
loop_
_entity_poly.entity_id
_entity_poly.type
_entity_poly.pdbx_seq_one_letter_code
_entity_poly.pdbx_strand_id
1 'polypeptide(L)'
;ATRPIDGLTDEGIRETLTRYKKIALVGASPKPERDANIVMKYLLEHGYDVYPVNPNYEEVLGRKCYPSVLDIPDKIEVVD
LFVNPAKAWRFVAYAIKKGAKVVWFQYNTYYPLAARQAKGAGLIIVANRCMMREHKRLLGE
;
A,B
2 'polypeptide(L)'
;AFGQDLGKKLLEAAAAGQDDEVRILMANGADVNATDDNGLTPLHLAAANGQLEIVEVLLKNGADVNASDSAGITPLHLAA
YDGHLEIVEVLLKHGADVNAYDRAGWTPLHLAALSGQLEIVEVLLKHGADVNAQDALGLTAFDISINQGQEDLAEILQ
;
C,D
#
loop_
_chem_comp.id
_chem_comp.type
_chem_comp.name
_chem_comp.formula
COA non-polymer 'COENZYME A' 'C21 H36 N7 O16 P3 S'
#
# COMPACT_ATOMS: atom_id res chain seq x y z
N ALA A 1 4.11 -35.12 14.11
CA ALA A 1 3.79 -33.80 13.53
C ALA A 1 5.04 -33.15 12.94
N THR A 2 6.20 -33.65 13.35
CA THR A 2 7.45 -33.23 12.75
C THR A 2 7.83 -34.18 11.60
N ARG A 3 6.84 -34.92 11.10
CA ARG A 3 7.03 -35.88 10.01
C ARG A 3 7.43 -35.25 8.67
N PRO A 4 8.61 -35.60 8.16
CA PRO A 4 9.12 -35.11 6.86
C PRO A 4 8.08 -35.20 5.75
N ILE A 5 7.74 -34.08 5.14
CA ILE A 5 6.90 -34.13 3.96
C ILE A 5 7.67 -34.57 2.69
N ASP A 6 8.98 -34.33 2.65
CA ASP A 6 9.79 -34.88 1.56
C ASP A 6 10.14 -36.34 1.87
N GLY A 7 10.68 -37.04 0.89
CA GLY A 7 11.11 -38.40 1.11
C GLY A 7 12.60 -38.62 1.00
N LEU A 8 13.38 -37.59 1.21
CA LEU A 8 14.83 -37.77 1.21
C LEU A 8 15.25 -38.59 2.43
N THR A 9 16.43 -39.20 2.36
CA THR A 9 17.02 -39.90 3.50
C THR A 9 17.99 -38.93 4.12
N ASP A 10 18.64 -39.29 5.23
CA ASP A 10 19.60 -38.29 5.74
C ASP A 10 20.96 -38.30 5.08
N GLU A 11 21.28 -39.31 4.27
CA GLU A 11 22.46 -39.18 3.42
C GLU A 11 22.17 -38.01 2.48
N GLY A 12 20.92 -37.92 2.02
CA GLY A 12 20.49 -36.82 1.19
C GLY A 12 20.55 -35.50 1.95
N ILE A 13 20.16 -35.53 3.21
CA ILE A 13 20.19 -34.31 4.02
C ILE A 13 21.64 -33.93 4.36
N ARG A 14 22.47 -34.91 4.70
CA ARG A 14 23.87 -34.60 5.02
C ARG A 14 24.54 -33.91 3.83
N GLU A 15 24.22 -34.40 2.64
CA GLU A 15 24.77 -33.87 1.40
C GLU A 15 24.52 -32.34 1.22
N THR A 16 23.26 -31.93 1.25
CA THR A 16 22.93 -30.52 1.06
C THR A 16 23.53 -29.68 2.17
N LEU A 17 23.43 -30.17 3.41
CA LEU A 17 23.97 -29.45 4.55
C LEU A 17 25.49 -29.26 4.38
N THR A 18 26.10 -30.20 3.66
CA THR A 18 27.55 -30.38 3.63
C THR A 18 28.24 -29.72 2.45
N ARG A 19 27.59 -29.72 1.29
CA ARG A 19 28.21 -29.20 0.07
C ARG A 19 27.84 -27.74 -0.19
N TYR A 20 26.72 -27.32 0.41
CA TYR A 20 26.16 -26.00 0.20
C TYR A 20 26.37 -25.09 1.41
N LYS A 21 27.00 -23.95 1.18
CA LYS A 21 27.24 -22.96 2.23
C LYS A 21 26.47 -21.66 2.02
N LYS A 22 25.94 -21.47 0.82
CA LYS A 22 25.35 -20.20 0.43
C LYS A 22 23.83 -20.24 0.68
N ILE A 23 23.36 -19.62 1.76
CA ILE A 23 21.97 -19.76 2.16
C ILE A 23 21.16 -18.46 2.16
N ALA A 24 20.12 -18.39 1.35
CA ALA A 24 19.15 -17.29 1.48
C ALA A 24 18.10 -17.64 2.54
N LEU A 25 17.88 -16.74 3.49
CA LEU A 25 16.91 -16.99 4.55
C LEU A 25 15.67 -16.07 4.41
N VAL A 26 14.51 -16.63 4.04
CA VAL A 26 13.35 -15.80 3.71
C VAL A 26 12.40 -15.66 4.90
N GLY A 27 12.06 -14.43 5.26
CA GLY A 27 11.25 -14.18 6.44
C GLY A 27 12.12 -13.86 7.65
N ALA A 28 13.32 -13.39 7.39
CA ALA A 28 14.23 -13.07 8.50
C ALA A 28 13.82 -11.80 9.26
N SER A 29 14.24 -11.71 10.51
CA SER A 29 13.73 -10.67 11.39
C SER A 29 14.52 -10.61 12.71
N PRO A 30 14.46 -9.46 13.40
CA PRO A 30 15.11 -9.19 14.69
C PRO A 30 14.31 -9.69 15.89
N LYS A 31 13.01 -9.92 15.72
CA LYS A 31 12.18 -10.38 16.82
C LYS A 31 12.69 -11.73 17.30
N PRO A 32 12.80 -11.90 18.61
CA PRO A 32 13.16 -13.18 19.23
C PRO A 32 12.00 -14.16 19.14
N GLU A 33 10.77 -13.64 19.14
CA GLU A 33 9.58 -14.48 19.08
C GLU A 33 9.52 -15.25 17.76
N ARG A 34 10.21 -14.73 16.75
CA ARG A 34 10.28 -15.40 15.46
C ARG A 34 11.33 -16.50 15.51
N ASP A 35 10.95 -17.71 15.11
CA ASP A 35 11.90 -18.83 15.01
C ASP A 35 13.02 -18.54 14.00
N ALA A 36 12.73 -17.72 13.00
CA ALA A 36 13.74 -17.36 12.00
C ALA A 36 15.00 -16.75 12.63
N ASN A 37 14.81 -16.06 13.75
CA ASN A 37 15.89 -15.35 14.45
C ASN A 37 16.94 -16.29 14.99
N ILE A 38 16.49 -17.25 15.80
CA ILE A 38 17.38 -18.20 16.43
C ILE A 38 18.07 -19.03 15.37
N VAL A 39 17.31 -19.49 14.39
CA VAL A 39 17.90 -20.33 13.34
C VAL A 39 19.00 -19.60 12.55
N MET A 40 18.80 -18.30 12.31
CA MET A 40 19.79 -17.53 11.59
C MET A 40 21.06 -17.36 12.42
N LYS A 41 20.87 -16.97 13.68
CA LYS A 41 21.93 -17.02 14.67
C LYS A 41 22.70 -18.33 14.58
N TYR A 42 22.01 -19.46 14.71
CA TYR A 42 22.65 -20.78 14.68
C TYR A 42 23.39 -21.10 13.35
N LEU A 43 22.89 -20.63 12.22
CA LEU A 43 23.55 -20.93 10.95
C LEU A 43 24.84 -20.13 10.82
N LEU A 44 24.71 -18.84 11.10
CA LEU A 44 25.83 -17.91 11.11
C LEU A 44 26.91 -18.45 12.02
N GLU A 45 26.51 -19.13 13.09
CA GLU A 45 27.46 -19.60 14.07
C GLU A 45 28.14 -20.90 13.65
N HIS A 46 27.67 -21.53 12.58
CA HIS A 46 28.27 -22.80 12.18
C HIS A 46 28.81 -22.80 10.75
N GLY A 47 29.28 -21.64 10.29
CA GLY A 47 30.07 -21.57 9.08
C GLY A 47 29.31 -21.28 7.80
N TYR A 48 28.00 -21.09 7.89
CA TYR A 48 27.23 -20.75 6.70
C TYR A 48 27.31 -19.27 6.31
N ASP A 49 27.26 -19.01 5.01
CA ASP A 49 27.06 -17.65 4.49
C ASP A 49 25.56 -17.41 4.39
N VAL A 50 25.03 -16.58 5.30
CA VAL A 50 23.57 -16.36 5.34
C VAL A 50 23.11 -14.94 4.96
N TYR A 51 22.33 -14.82 3.88
CA TYR A 51 21.81 -13.51 3.46
C TYR A 51 20.30 -13.30 3.79
N PRO A 52 19.98 -12.43 4.77
CA PRO A 52 18.56 -12.37 5.12
C PRO A 52 17.71 -11.69 4.05
N VAL A 53 16.49 -12.20 3.84
CA VAL A 53 15.53 -11.59 2.90
C VAL A 53 14.23 -11.11 3.61
N ASN A 54 14.06 -9.81 3.71
CA ASN A 54 12.83 -9.26 4.26
C ASN A 54 12.76 -7.79 3.93
N PRO A 55 11.80 -7.42 3.05
CA PRO A 55 11.72 -6.00 2.63
C PRO A 55 11.28 -5.08 3.77
N ASN A 56 10.79 -5.62 4.89
CA ASN A 56 10.47 -4.77 6.04
C ASN A 56 11.71 -4.46 6.87
N TYR A 57 12.87 -4.97 6.45
CA TYR A 57 14.14 -4.53 7.03
C TYR A 57 15.24 -4.29 6.04
N GLU A 58 16.04 -3.27 6.32
CA GLU A 58 17.24 -2.98 5.58
C GLU A 58 18.35 -3.89 6.07
N GLU A 59 18.21 -4.35 7.32
CA GLU A 59 19.29 -5.08 7.97
C GLU A 59 18.81 -5.95 9.14
N VAL A 60 19.46 -7.11 9.29
CA VAL A 60 19.12 -8.12 10.28
C VAL A 60 20.35 -8.80 10.86
N LEU A 61 20.39 -8.93 12.18
CA LEU A 61 21.52 -9.59 12.83
C LEU A 61 22.85 -9.14 12.24
N GLY A 62 22.97 -7.83 12.00
CA GLY A 62 24.20 -7.25 11.50
C GLY A 62 24.57 -7.69 10.10
N ARG A 63 23.56 -8.00 9.29
CA ARG A 63 23.77 -8.35 7.89
C ARG A 63 22.80 -7.55 7.03
N LYS A 64 23.28 -7.00 5.93
CA LYS A 64 22.41 -6.33 4.97
C LYS A 64 21.26 -7.27 4.60
N CYS A 65 20.04 -6.77 4.71
CA CYS A 65 18.84 -7.56 4.44
C CYS A 65 18.25 -7.07 3.13
N TYR A 66 17.89 -8.02 2.26
CA TYR A 66 17.41 -7.70 0.90
C TYR A 66 15.90 -7.85 0.72
N PRO A 67 15.30 -6.95 -0.08
CA PRO A 67 13.89 -6.95 -0.46
C PRO A 67 13.43 -8.26 -1.10
N SER A 68 14.34 -8.93 -1.80
CA SER A 68 13.98 -10.10 -2.58
C SER A 68 15.20 -10.98 -2.77
N VAL A 69 14.98 -12.21 -3.24
CA VAL A 69 16.05 -13.16 -3.48
C VAL A 69 16.88 -12.75 -4.70
N LEU A 70 16.18 -12.33 -5.74
CA LEU A 70 16.75 -11.78 -6.96
C LEU A 70 17.82 -10.72 -6.64
N ASP A 71 17.67 -10.14 -5.45
CA ASP A 71 18.48 -9.01 -4.98
C ASP A 71 19.88 -9.38 -4.51
N ILE A 72 20.19 -10.65 -4.35
CA ILE A 72 21.46 -11.03 -3.73
C ILE A 72 22.64 -11.09 -4.72
N PRO A 73 23.71 -10.33 -4.41
CA PRO A 73 24.89 -10.17 -5.30
C PRO A 73 25.55 -11.47 -5.70
N ASP A 74 25.99 -12.27 -4.73
CA ASP A 74 26.67 -13.52 -5.07
C ASP A 74 25.73 -14.71 -5.15
N LYS A 75 26.29 -15.86 -5.50
CA LYS A 75 25.56 -17.12 -5.66
C LYS A 75 24.71 -17.52 -4.44
N ILE A 76 23.56 -18.13 -4.68
CA ILE A 76 22.94 -18.88 -3.59
C ILE A 76 22.60 -20.31 -3.99
N GLU A 77 22.80 -21.24 -3.03
CA GLU A 77 22.60 -22.66 -3.23
C GLU A 77 21.28 -23.15 -2.63
N VAL A 78 20.99 -22.70 -1.41
CA VAL A 78 19.84 -23.21 -0.68
C VAL A 78 18.92 -22.07 -0.24
N VAL A 79 17.62 -22.15 -0.53
CA VAL A 79 16.68 -21.11 -0.05
C VAL A 79 15.85 -21.61 1.16
N ASP A 80 16.05 -20.99 2.31
CA ASP A 80 15.47 -21.43 3.60
C ASP A 80 14.25 -20.56 3.95
N LEU A 81 13.05 -21.17 3.97
CA LEU A 81 11.81 -20.39 3.99
C LEU A 81 11.10 -20.34 5.34
N PHE A 82 10.93 -19.12 5.87
CA PHE A 82 10.10 -18.86 7.09
C PHE A 82 8.91 -17.94 6.80
N VAL A 83 8.03 -18.31 5.87
CA VAL A 83 6.79 -17.55 5.63
C VAL A 83 5.55 -18.43 5.60
N ASN A 84 4.39 -17.80 5.69
CA ASN A 84 3.11 -18.47 5.74
C ASN A 84 2.86 -19.44 4.57
N PRO A 85 2.14 -20.57 4.81
CA PRO A 85 1.81 -21.52 3.73
C PRO A 85 1.09 -20.90 2.55
N ALA A 86 0.24 -19.91 2.79
CA ALA A 86 -0.38 -19.18 1.71
C ALA A 86 0.62 -18.40 0.85
N LYS A 87 1.90 -18.38 1.26
CA LYS A 87 2.94 -17.48 0.73
C LYS A 87 4.25 -18.18 0.25
N ALA A 88 4.70 -19.19 1.00
CA ALA A 88 6.02 -19.75 0.79
C ALA A 88 6.21 -20.34 -0.60
N TRP A 89 5.20 -21.07 -1.05
CA TRP A 89 5.27 -21.75 -2.34
C TRP A 89 5.70 -20.83 -3.50
N ARG A 90 5.43 -19.53 -3.39
CA ARG A 90 5.83 -18.60 -4.44
C ARG A 90 7.34 -18.45 -4.61
N PHE A 91 8.12 -18.90 -3.64
CA PHE A 91 9.57 -18.75 -3.73
C PHE A 91 10.25 -19.87 -4.51
N VAL A 92 9.54 -20.97 -4.74
CA VAL A 92 10.06 -21.99 -5.63
C VAL A 92 10.50 -21.29 -6.92
N ALA A 93 9.53 -20.65 -7.59
CA ALA A 93 9.80 -19.94 -8.83
C ALA A 93 11.02 -19.01 -8.79
N TYR A 94 11.17 -18.22 -7.74
CA TYR A 94 12.29 -17.26 -7.64
C TYR A 94 13.63 -17.98 -7.52
N ALA A 95 13.62 -19.09 -6.77
CA ALA A 95 14.84 -19.85 -6.55
C ALA A 95 15.34 -20.36 -7.89
N ILE A 96 14.42 -20.86 -8.70
CA ILE A 96 14.74 -21.40 -10.02
C ILE A 96 15.40 -20.35 -10.92
N LYS A 97 14.89 -19.12 -10.87
CA LYS A 97 15.47 -18.02 -11.64
C LYS A 97 16.86 -17.72 -11.11
N LYS A 98 17.02 -17.86 -9.79
CA LYS A 98 18.29 -17.56 -9.15
C LYS A 98 19.36 -18.61 -9.45
N GLY A 99 18.91 -19.77 -9.91
CA GLY A 99 19.80 -20.91 -10.15
C GLY A 99 20.16 -21.73 -8.92
N ALA A 100 19.36 -21.60 -7.86
CA ALA A 100 19.52 -22.39 -6.62
C ALA A 100 19.38 -23.88 -6.85
N LYS A 101 19.91 -24.69 -5.94
CA LYS A 101 19.79 -26.14 -6.05
C LYS A 101 18.76 -26.74 -5.09
N VAL A 102 18.46 -26.04 -4.00
CA VAL A 102 17.51 -26.56 -3.00
C VAL A 102 16.52 -25.49 -2.52
N VAL A 103 15.27 -25.88 -2.27
CA VAL A 103 14.34 -25.06 -1.49
C VAL A 103 13.93 -25.79 -0.22
N TRP A 104 14.14 -25.15 0.93
CA TRP A 104 13.84 -25.78 2.21
C TRP A 104 12.60 -25.12 2.88
N PHE A 105 11.52 -25.87 3.04
CA PHE A 105 10.33 -25.40 3.80
C PHE A 105 10.40 -25.78 5.29
N GLN A 106 10.60 -24.80 6.15
CA GLN A 106 10.52 -25.02 7.59
C GLN A 106 9.07 -25.33 7.95
N TYR A 107 8.84 -25.57 9.25
CA TYR A 107 7.56 -26.07 9.74
C TYR A 107 6.39 -25.17 9.41
N ASN A 108 5.28 -25.79 8.99
CA ASN A 108 4.06 -25.02 8.72
C ASN A 108 4.21 -24.03 7.56
N THR A 109 5.12 -24.29 6.64
CA THR A 109 5.32 -23.32 5.56
C THR A 109 4.93 -23.86 4.19
N TYR A 110 4.83 -25.19 4.06
CA TYR A 110 4.59 -25.85 2.78
C TYR A 110 3.12 -25.91 2.34
N TYR A 111 2.95 -25.92 1.02
CA TYR A 111 1.67 -25.97 0.36
C TYR A 111 2.04 -26.55 -1.02
N PRO A 112 1.26 -27.52 -1.53
CA PRO A 112 1.69 -28.44 -2.59
C PRO A 112 1.77 -27.79 -3.97
N LEU A 113 1.23 -26.60 -4.16
CA LEU A 113 1.43 -25.93 -5.45
C LEU A 113 2.94 -25.89 -5.73
N ALA A 114 3.72 -26.16 -4.70
CA ALA A 114 5.19 -26.12 -4.78
C ALA A 114 5.82 -27.29 -5.54
N ALA A 115 5.15 -28.43 -5.55
CA ALA A 115 5.60 -29.59 -6.30
C ALA A 115 5.34 -29.37 -7.78
N ARG A 116 4.17 -28.81 -8.06
CA ARG A 116 3.74 -28.50 -9.42
C ARG A 116 4.73 -27.53 -10.09
N GLN A 117 5.53 -26.84 -9.28
CA GLN A 117 6.42 -25.79 -9.79
C GLN A 117 7.87 -26.26 -9.96
N ALA A 118 8.21 -27.41 -9.37
CA ALA A 118 9.60 -27.88 -9.31
C ALA A 118 9.91 -29.06 -10.25
N GLY A 122 17.69 -28.39 -11.42
CA GLY A 122 16.93 -28.50 -10.18
C GLY A 122 15.53 -29.02 -10.41
N LEU A 123 14.73 -29.00 -9.34
CA LEU A 123 15.20 -28.53 -8.04
C LEU A 123 15.13 -29.66 -7.03
N ILE A 124 15.62 -29.42 -5.84
CA ILE A 124 15.36 -30.37 -4.76
C ILE A 124 14.61 -29.69 -3.61
N ILE A 125 13.50 -30.31 -3.19
CA ILE A 125 12.66 -29.74 -2.15
C ILE A 125 12.83 -30.45 -0.83
N VAL A 126 13.07 -29.66 0.21
CA VAL A 126 12.96 -30.12 1.58
C VAL A 126 11.72 -29.46 2.21
N ALA A 127 10.89 -30.26 2.88
CA ALA A 127 9.66 -29.74 3.47
C ALA A 127 9.33 -30.33 4.85
N ASN A 128 8.91 -29.45 5.76
CA ASN A 128 8.65 -29.74 7.16
C ASN A 128 9.84 -30.30 7.96
N ARG A 129 10.93 -29.54 7.98
CA ARG A 129 12.14 -29.89 8.71
C ARG A 129 12.84 -28.59 9.11
N CYS A 130 13.66 -28.63 10.14
CA CYS A 130 14.44 -27.44 10.48
C CYS A 130 15.93 -27.58 10.08
N MET A 131 16.48 -26.59 9.38
CA MET A 131 17.92 -26.61 9.06
C MET A 131 18.83 -26.71 10.31
N MET A 132 18.40 -26.12 11.41
CA MET A 132 19.14 -26.14 12.66
C MET A 132 19.14 -27.54 13.29
N ARG A 133 17.95 -28.09 13.47
CA ARG A 133 17.78 -29.41 14.06
C ARG A 133 18.45 -30.54 13.27
N GLU A 134 18.29 -30.51 11.96
CA GLU A 134 18.98 -31.49 11.11
C GLU A 134 20.50 -31.39 11.27
N HIS A 135 21.03 -30.16 11.28
CA HIS A 135 22.46 -29.94 11.52
C HIS A 135 22.92 -30.51 12.86
N LYS A 136 22.27 -30.08 13.94
CA LYS A 136 22.52 -30.62 15.28
C LYS A 136 22.54 -32.14 15.29
N ARG A 137 21.62 -32.75 14.57
CA ARG A 137 21.47 -34.20 14.66
C ARG A 137 22.53 -34.92 13.84
N LEU A 138 22.86 -34.36 12.69
CA LEU A 138 23.68 -35.05 11.70
C LEU A 138 25.17 -34.73 11.79
N LEU A 139 25.49 -33.49 12.14
CA LEU A 139 26.86 -32.99 12.18
C LEU A 139 27.31 -32.51 13.55
N GLY A 140 26.36 -32.31 14.47
CA GLY A 140 26.65 -31.67 15.75
C GLY A 140 27.53 -32.42 16.74
N GLU A 141 28.69 -31.85 17.04
CA GLU A 141 29.68 -32.43 17.96
C GLU A 141 29.39 -33.87 18.39
N ALA B 1 4.39 20.15 10.73
CA ALA B 1 3.95 20.20 9.33
C ALA B 1 2.46 19.94 9.24
N THR B 2 1.81 19.72 10.38
CA THR B 2 0.36 19.75 10.42
C THR B 2 -0.13 21.17 10.74
N ARG B 3 0.79 22.05 11.15
CA ARG B 3 0.39 23.38 11.59
C ARG B 3 -0.67 24.00 10.67
N PRO B 4 -1.85 24.27 11.25
CA PRO B 4 -2.97 24.93 10.57
C PRO B 4 -2.48 26.17 9.83
N ILE B 5 -2.91 26.40 8.60
CA ILE B 5 -2.65 27.66 7.92
C ILE B 5 -3.77 28.67 8.24
N ASP B 6 -4.96 28.17 8.54
CA ASP B 6 -6.04 29.06 8.94
C ASP B 6 -5.83 29.50 10.37
N GLY B 7 -6.50 30.58 10.76
CA GLY B 7 -6.36 31.12 12.10
C GLY B 7 -7.50 30.86 13.06
N LEU B 8 -8.39 29.94 12.73
CA LEU B 8 -9.49 29.62 13.64
C LEU B 8 -9.02 28.91 14.91
N THR B 9 -9.89 28.88 15.93
CA THR B 9 -9.61 28.22 17.20
C THR B 9 -10.34 26.90 17.30
N ASP B 10 -10.23 26.23 18.43
CA ASP B 10 -10.95 24.97 18.64
C ASP B 10 -12.46 25.15 18.83
N GLU B 11 -12.89 26.38 19.16
CA GLU B 11 -14.32 26.66 19.23
C GLU B 11 -14.91 26.90 17.87
N GLY B 12 -14.23 27.72 17.08
CA GLY B 12 -14.62 27.92 15.70
C GLY B 12 -14.74 26.58 15.00
N ILE B 13 -13.72 25.74 15.14
CA ILE B 13 -13.73 24.47 14.45
C ILE B 13 -14.92 23.63 14.90
N ARG B 14 -15.15 23.54 16.20
CA ARG B 14 -16.25 22.71 16.69
C ARG B 14 -17.62 23.16 16.19
N GLU B 15 -17.79 24.47 16.00
CA GLU B 15 -19.06 25.03 15.52
C GLU B 15 -19.36 24.57 14.11
N THR B 16 -18.37 24.67 13.21
CA THR B 16 -18.60 24.28 11.83
C THR B 16 -18.80 22.75 11.69
N LEU B 17 -18.15 22.00 12.56
CA LEU B 17 -18.40 20.57 12.66
C LEU B 17 -19.81 20.29 13.23
N THR B 18 -20.28 21.10 14.18
CA THR B 18 -21.59 20.86 14.78
C THR B 18 -22.70 21.37 13.87
N ARG B 19 -22.55 22.58 13.35
CA ARG B 19 -23.60 23.22 12.58
C ARG B 19 -23.89 22.48 11.29
N TYR B 20 -22.84 22.17 10.53
CA TYR B 20 -22.97 21.72 9.15
C TYR B 20 -22.80 20.22 8.96
N LYS B 21 -23.79 19.59 8.35
CA LYS B 21 -23.75 18.15 8.11
C LYS B 21 -23.70 17.80 6.64
N LYS B 22 -23.96 18.76 5.77
CA LYS B 22 -23.93 18.51 4.33
C LYS B 22 -22.57 18.82 3.69
N ILE B 23 -21.83 17.78 3.36
CA ILE B 23 -20.47 17.93 2.90
C ILE B 23 -20.32 17.38 1.50
N ALA B 24 -19.65 18.15 0.65
CA ALA B 24 -19.29 17.70 -0.69
C ALA B 24 -17.82 17.28 -0.66
N LEU B 25 -17.56 15.98 -0.58
CA LEU B 25 -16.17 15.53 -0.49
C LEU B 25 -15.55 15.44 -1.89
N VAL B 26 -14.61 16.35 -2.19
CA VAL B 26 -13.99 16.40 -3.51
C VAL B 26 -12.69 15.61 -3.57
N GLY B 27 -12.51 14.90 -4.69
CA GLY B 27 -11.44 13.96 -4.88
C GLY B 27 -11.80 12.60 -4.32
N ALA B 28 -13.09 12.30 -4.20
CA ALA B 28 -13.48 11.02 -3.57
C ALA B 28 -13.23 9.79 -4.45
N SER B 29 -13.13 8.61 -3.84
CA SER B 29 -12.62 7.42 -4.49
C SER B 29 -12.69 6.18 -3.61
N PRO B 30 -12.93 5.00 -4.22
CA PRO B 30 -12.98 3.73 -3.51
C PRO B 30 -11.59 3.21 -3.17
N LYS B 31 -10.57 3.82 -3.75
CA LYS B 31 -9.19 3.36 -3.54
C LYS B 31 -8.82 3.39 -2.05
N PRO B 32 -8.26 2.27 -1.56
CA PRO B 32 -7.75 2.15 -0.18
C PRO B 32 -6.57 3.07 0.07
N GLU B 33 -5.88 3.44 -1.01
CA GLU B 33 -4.67 4.24 -0.91
C GLU B 33 -4.93 5.76 -0.90
N ARG B 34 -6.18 6.17 -1.13
CA ARG B 34 -6.55 7.58 -1.04
C ARG B 34 -7.21 7.84 0.31
N ASP B 35 -6.65 8.75 1.09
CA ASP B 35 -7.19 9.07 2.40
C ASP B 35 -8.62 9.63 2.32
N ALA B 36 -8.98 10.17 1.15
CA ALA B 36 -10.36 10.51 0.83
C ALA B 36 -11.34 9.33 1.03
N ASN B 37 -10.85 8.11 0.93
CA ASN B 37 -11.72 6.97 1.19
C ASN B 37 -11.99 6.69 2.68
N ILE B 38 -10.94 6.75 3.50
CA ILE B 38 -11.08 6.46 4.92
C ILE B 38 -11.77 7.60 5.65
N VAL B 39 -11.60 8.82 5.13
CA VAL B 39 -12.23 9.98 5.73
C VAL B 39 -13.71 10.03 5.36
N MET B 40 -14.02 9.75 4.12
CA MET B 40 -15.43 9.75 3.74
C MET B 40 -16.21 8.74 4.58
N LYS B 41 -15.62 7.60 4.88
CA LYS B 41 -16.38 6.55 5.55
C LYS B 41 -16.62 6.93 7.01
N TYR B 42 -15.58 7.44 7.64
CA TYR B 42 -15.67 7.96 8.99
C TYR B 42 -16.83 8.96 9.13
N LEU B 43 -16.72 10.03 8.35
CA LEU B 43 -17.77 11.04 8.22
C LEU B 43 -19.12 10.36 7.98
N LEU B 44 -19.17 9.53 6.95
CA LEU B 44 -20.41 8.83 6.59
C LEU B 44 -21.05 8.09 7.75
N GLU B 45 -20.29 7.84 8.80
CA GLU B 45 -20.79 7.04 9.90
C GLU B 45 -21.01 7.87 11.17
N HIS B 46 -20.97 9.18 11.01
CA HIS B 46 -21.13 10.07 12.14
C HIS B 46 -22.17 11.15 11.86
N GLY B 47 -23.26 10.73 11.23
CA GLY B 47 -24.37 11.62 10.98
C GLY B 47 -24.09 12.71 9.97
N TYR B 48 -22.96 12.59 9.28
CA TYR B 48 -22.62 13.51 8.19
C TYR B 48 -23.20 13.01 6.87
N ASP B 49 -23.96 13.86 6.20
CA ASP B 49 -24.47 13.54 4.88
C ASP B 49 -23.47 13.99 3.83
N VAL B 50 -22.80 13.02 3.19
CA VAL B 50 -21.64 13.34 2.36
C VAL B 50 -21.78 12.97 0.87
N TYR B 51 -21.52 13.96 0.01
CA TYR B 51 -21.71 13.87 -1.43
C TYR B 51 -20.38 13.74 -2.19
N PRO B 52 -20.09 12.57 -2.80
CA PRO B 52 -18.79 12.53 -3.47
C PRO B 52 -18.75 13.40 -4.74
N VAL B 53 -17.57 13.90 -5.07
CA VAL B 53 -17.32 14.52 -6.36
C VAL B 53 -16.04 13.96 -6.96
N ASN B 54 -16.14 13.44 -8.19
CA ASN B 54 -14.98 12.90 -8.90
C ASN B 54 -15.29 12.53 -10.35
N PRO B 55 -14.58 13.14 -11.29
CA PRO B 55 -14.83 12.96 -12.74
C PRO B 55 -14.44 11.57 -13.25
N ASN B 56 -14.20 10.62 -12.36
CA ASN B 56 -13.76 9.30 -12.80
C ASN B 56 -14.61 8.21 -12.17
N TYR B 57 -15.63 8.60 -11.43
CA TYR B 57 -16.48 7.64 -10.74
C TYR B 57 -17.97 7.93 -10.85
N GLU B 58 -18.75 6.88 -10.61
CA GLU B 58 -20.19 6.94 -10.65
C GLU B 58 -20.72 6.63 -9.25
N GLU B 59 -19.96 5.82 -8.53
CA GLU B 59 -20.36 5.30 -7.23
C GLU B 59 -19.15 5.22 -6.28
N VAL B 60 -19.23 5.88 -5.13
CA VAL B 60 -18.15 5.82 -4.16
C VAL B 60 -18.70 5.54 -2.78
N LEU B 61 -18.23 4.45 -2.17
CA LEU B 61 -18.76 4.00 -0.90
C LEU B 61 -20.29 3.96 -1.00
N GLY B 62 -20.75 3.67 -2.22
CA GLY B 62 -22.15 3.44 -2.53
C GLY B 62 -22.94 4.65 -2.99
N ARG B 63 -22.26 5.69 -3.46
CA ARG B 63 -22.90 6.98 -3.73
C ARG B 63 -22.51 7.57 -5.06
N LYS B 64 -23.48 8.18 -5.76
CA LYS B 64 -23.21 8.67 -7.11
C LYS B 64 -22.17 9.76 -7.09
N CYS B 65 -21.31 9.77 -8.10
CA CYS B 65 -20.16 10.63 -8.08
C CYS B 65 -20.19 11.70 -9.15
N TYR B 66 -20.82 12.82 -8.81
CA TYR B 66 -20.88 13.95 -9.70
C TYR B 66 -19.49 14.29 -10.13
N PRO B 67 -19.34 14.88 -11.33
CA PRO B 67 -18.01 15.24 -11.80
C PRO B 67 -17.63 16.64 -11.30
N SER B 68 -18.61 17.37 -10.76
CA SER B 68 -18.38 18.70 -10.19
C SER B 68 -19.37 19.00 -9.08
N VAL B 69 -19.25 20.19 -8.52
CA VAL B 69 -20.08 20.56 -7.38
C VAL B 69 -21.39 21.22 -7.80
N LEU B 70 -21.35 22.09 -8.82
CA LEU B 70 -22.56 22.72 -9.36
C LEU B 70 -23.47 21.63 -9.94
N ASP B 71 -22.86 20.49 -10.25
CA ASP B 71 -23.61 19.35 -10.77
C ASP B 71 -24.42 18.68 -9.68
N ILE B 72 -23.90 18.64 -8.45
CA ILE B 72 -24.68 18.15 -7.33
C ILE B 72 -26.01 18.88 -7.36
N PRO B 73 -27.07 18.18 -7.80
CA PRO B 73 -28.35 18.88 -8.02
C PRO B 73 -28.84 19.46 -6.71
N ASP B 74 -28.24 19.00 -5.62
CA ASP B 74 -28.75 19.24 -4.29
C ASP B 74 -27.79 20.10 -3.45
N LYS B 75 -28.35 20.72 -2.41
CA LYS B 75 -27.66 21.73 -1.60
C LYS B 75 -26.56 21.22 -0.64
N ILE B 76 -25.51 22.03 -0.45
CA ILE B 76 -24.38 21.66 0.41
C ILE B 76 -23.83 22.82 1.23
N GLU B 77 -23.24 22.51 2.39
CA GLU B 77 -22.74 23.52 3.33
C GLU B 77 -21.20 23.64 3.41
N VAL B 78 -20.51 22.52 3.21
CA VAL B 78 -19.04 22.46 3.33
C VAL B 78 -18.42 21.76 2.12
N VAL B 79 -17.31 22.29 1.62
CA VAL B 79 -16.56 21.64 0.56
C VAL B 79 -15.20 21.16 1.08
N ASP B 80 -15.06 19.83 1.19
CA ASP B 80 -13.89 19.16 1.80
C ASP B 80 -12.95 18.57 0.72
N LEU B 81 -11.71 19.07 0.65
CA LEU B 81 -10.87 18.90 -0.55
C LEU B 81 -9.71 17.92 -0.46
N PHE B 82 -9.63 17.01 -1.44
CA PHE B 82 -8.57 16.01 -1.55
C PHE B 82 -7.93 16.03 -2.94
N VAL B 83 -7.60 17.21 -3.42
CA VAL B 83 -6.90 17.32 -4.68
C VAL B 83 -5.61 18.14 -4.51
N ASN B 84 -4.72 18.00 -5.48
CA ASN B 84 -3.43 18.66 -5.53
C ASN B 84 -3.43 20.17 -5.22
N PRO B 85 -2.34 20.69 -4.63
CA PRO B 85 -2.25 22.15 -4.45
C PRO B 85 -2.23 22.94 -5.78
N ALA B 86 -1.92 22.28 -6.89
CA ALA B 86 -2.00 22.90 -8.22
C ALA B 86 -3.43 22.93 -8.76
N LYS B 87 -4.34 22.30 -8.02
CA LYS B 87 -5.73 22.06 -8.44
C LYS B 87 -6.76 22.58 -7.42
N ALA B 88 -6.50 22.37 -6.13
CA ALA B 88 -7.48 22.58 -5.07
C ALA B 88 -8.01 24.01 -4.98
N TRP B 89 -7.13 24.99 -5.12
CA TRP B 89 -7.53 26.39 -5.04
C TRP B 89 -8.73 26.75 -5.96
N ARG B 90 -8.80 26.17 -7.16
CA ARG B 90 -9.87 26.48 -8.11
C ARG B 90 -11.29 26.21 -7.60
N PHE B 91 -11.41 25.48 -6.48
CA PHE B 91 -12.72 25.12 -5.97
C PHE B 91 -13.32 26.21 -5.09
N VAL B 92 -12.52 27.23 -4.78
CA VAL B 92 -13.05 28.37 -4.05
C VAL B 92 -14.13 29.09 -4.89
N ALA B 93 -13.79 29.48 -6.10
CA ALA B 93 -14.79 29.99 -7.02
C ALA B 93 -16.01 29.06 -7.07
N TYR B 94 -15.79 27.76 -7.21
CA TYR B 94 -16.91 26.83 -7.33
C TYR B 94 -17.81 26.83 -6.09
N ALA B 95 -17.19 26.97 -4.92
CA ALA B 95 -17.88 26.89 -3.64
C ALA B 95 -18.75 28.10 -3.41
N ILE B 96 -18.26 29.25 -3.86
CA ILE B 96 -19.02 30.46 -3.71
C ILE B 96 -20.21 30.40 -4.62
N LYS B 97 -19.96 30.09 -5.88
CA LYS B 97 -21.01 30.09 -6.87
C LYS B 97 -22.01 28.97 -6.60
N LYS B 98 -21.96 28.42 -5.39
CA LYS B 98 -22.87 27.39 -4.91
C LYS B 98 -23.43 27.79 -3.54
N GLY B 99 -22.75 28.71 -2.88
CA GLY B 99 -23.22 29.25 -1.61
C GLY B 99 -22.90 28.39 -0.41
N ALA B 100 -21.73 27.77 -0.42
CA ALA B 100 -21.28 27.01 0.73
C ALA B 100 -20.78 28.02 1.77
N LYS B 101 -20.83 27.62 3.03
CA LYS B 101 -20.39 28.49 4.13
C LYS B 101 -18.90 28.30 4.39
N VAL B 102 -18.38 27.12 4.04
CA VAL B 102 -17.00 26.79 4.32
C VAL B 102 -16.35 26.11 3.14
N VAL B 103 -15.03 26.23 3.09
CA VAL B 103 -14.19 25.48 2.17
C VAL B 103 -13.04 24.91 2.99
N TRP B 104 -12.90 23.59 2.99
CA TRP B 104 -11.93 22.93 3.87
C TRP B 104 -10.75 22.32 3.09
N PHE B 105 -9.53 22.70 3.43
CA PHE B 105 -8.35 22.17 2.75
C PHE B 105 -7.61 21.12 3.61
N GLN B 106 -7.69 19.85 3.21
CA GLN B 106 -6.96 18.77 3.87
C GLN B 106 -5.44 18.98 3.72
N TYR B 107 -4.63 18.06 4.23
CA TYR B 107 -3.15 18.23 4.18
C TYR B 107 -2.54 18.22 2.76
N ASN B 108 -1.55 19.09 2.57
CA ASN B 108 -0.85 19.13 1.31
C ASN B 108 -1.81 19.49 0.17
N THR B 109 -2.86 20.24 0.45
CA THR B 109 -3.77 20.61 -0.63
C THR B 109 -3.88 22.13 -0.84
N TYR B 110 -3.31 22.94 0.04
CA TYR B 110 -3.52 24.40 -0.02
C TYR B 110 -2.56 25.18 -0.96
N TYR B 111 -3.12 26.15 -1.68
CA TYR B 111 -2.33 27.12 -2.44
C TYR B 111 -2.94 28.53 -2.24
N PRO B 112 -2.09 29.56 -2.09
CA PRO B 112 -2.58 30.85 -1.57
C PRO B 112 -3.44 31.66 -2.55
N LEU B 113 -3.51 31.24 -3.80
CA LEU B 113 -4.47 31.87 -4.70
C LEU B 113 -5.86 31.78 -4.07
N ALA B 114 -5.96 30.97 -3.02
CA ALA B 114 -7.21 30.77 -2.31
C ALA B 114 -7.77 32.03 -1.60
N ALA B 115 -6.90 32.94 -1.16
CA ALA B 115 -7.32 34.01 -0.25
C ALA B 115 -8.26 35.08 -0.81
N GLY B 120 -12.62 38.27 -1.07
CA GLY B 120 -13.96 38.83 -0.92
C GLY B 120 -14.72 38.07 0.15
N ALA B 121 -14.13 38.06 1.35
CA ALA B 121 -14.58 37.23 2.47
C ALA B 121 -16.09 37.01 2.51
N GLY B 122 -16.51 35.83 2.07
CA GLY B 122 -17.86 35.36 2.34
C GLY B 122 -17.73 34.16 3.27
N LEU B 123 -17.15 33.08 2.74
CA LEU B 123 -17.03 31.83 3.49
C LEU B 123 -15.83 31.74 4.44
N ILE B 124 -15.88 30.71 5.29
CA ILE B 124 -14.83 30.44 6.25
C ILE B 124 -13.87 29.41 5.68
N ILE B 125 -12.65 29.81 5.34
CA ILE B 125 -11.68 28.84 4.89
C ILE B 125 -11.04 28.09 6.06
N VAL B 126 -11.08 26.76 6.00
CA VAL B 126 -10.26 25.90 6.85
C VAL B 126 -9.04 25.41 6.04
N ALA B 127 -7.86 25.36 6.64
CA ALA B 127 -6.71 24.90 5.87
C ALA B 127 -5.67 24.11 6.65
N ASN B 128 -5.24 23.01 6.04
CA ASN B 128 -4.24 22.10 6.60
C ASN B 128 -4.70 21.49 7.92
N ARG B 129 -5.88 20.85 7.86
CA ARG B 129 -6.49 20.15 8.99
C ARG B 129 -7.28 19.02 8.34
N CYS B 130 -7.54 17.97 9.12
CA CYS B 130 -8.34 16.85 8.64
C CYS B 130 -9.71 16.81 9.33
N MET B 131 -10.77 16.75 8.54
CA MET B 131 -12.12 16.68 9.13
C MET B 131 -12.26 15.50 10.11
N MET B 132 -11.74 14.35 9.74
CA MET B 132 -11.82 13.17 10.59
C MET B 132 -11.11 13.41 11.92
N ARG B 133 -9.93 14.02 11.85
CA ARG B 133 -9.08 14.17 13.01
C ARG B 133 -9.60 15.21 14.00
N GLU B 134 -10.04 16.35 13.47
CA GLU B 134 -10.73 17.34 14.26
C GLU B 134 -12.01 16.76 14.88
N HIS B 135 -12.73 15.92 14.14
CA HIS B 135 -13.96 15.35 14.69
C HIS B 135 -13.65 14.47 15.88
N LYS B 136 -12.69 13.56 15.71
CA LYS B 136 -12.30 12.65 16.78
C LYS B 136 -11.85 13.37 18.05
N ARG B 137 -11.05 14.42 17.88
CA ARG B 137 -10.45 15.07 19.04
C ARG B 137 -11.35 16.12 19.68
N LEU B 138 -12.46 16.43 19.02
CA LEU B 138 -13.36 17.48 19.48
C LEU B 138 -14.80 16.99 19.69
N LEU B 139 -15.06 15.73 19.38
CA LEU B 139 -16.41 15.20 19.43
C LEU B 139 -16.38 13.69 19.69
N GLY B 140 -15.82 13.32 20.83
CA GLY B 140 -15.71 11.92 21.22
C GLY B 140 -16.96 11.38 21.92
N PHE C 2 -4.74 6.63 6.61
CA PHE C 2 -4.12 5.86 5.55
C PHE C 2 -4.49 4.39 5.63
N GLY C 3 -5.42 3.98 4.76
CA GLY C 3 -6.00 2.66 4.82
C GLY C 3 -5.04 1.55 4.46
N GLN C 4 -4.09 1.84 3.56
CA GLN C 4 -3.05 0.88 3.20
C GLN C 4 -2.30 0.39 4.44
N ASP C 5 -1.76 1.35 5.19
CA ASP C 5 -1.06 1.03 6.44
C ASP C 5 -1.93 0.25 7.41
N LEU C 6 -3.23 0.59 7.44
CA LEU C 6 -4.20 -0.06 8.29
C LEU C 6 -4.54 -1.47 7.81
N GLY C 7 -4.63 -1.63 6.49
CA GLY C 7 -4.82 -2.92 5.90
C GLY C 7 -3.64 -3.84 6.16
N LYS C 8 -2.41 -3.36 5.94
CA LYS C 8 -1.23 -4.19 6.22
C LYS C 8 -1.14 -4.57 7.70
N LYS C 9 -1.59 -3.67 8.57
CA LYS C 9 -1.68 -3.91 10.01
C LYS C 9 -2.74 -4.96 10.39
N LEU C 10 -3.82 -4.98 9.63
CA LEU C 10 -4.90 -5.94 9.88
C LEU C 10 -4.47 -7.37 9.51
N LEU C 11 -3.86 -7.47 8.33
CA LEU C 11 -3.33 -8.72 7.81
C LEU C 11 -2.38 -9.40 8.80
N GLU C 12 -1.39 -8.67 9.28
CA GLU C 12 -0.40 -9.22 10.22
C GLU C 12 -1.02 -9.67 11.57
N ALA C 13 -1.88 -8.83 12.13
CA ALA C 13 -2.54 -9.15 13.41
C ALA C 13 -3.40 -10.41 13.29
N ALA C 14 -4.10 -10.53 12.17
CA ALA C 14 -4.90 -11.73 11.91
C ALA C 14 -4.06 -13.00 11.82
N ALA C 15 -3.06 -12.97 10.93
CA ALA C 15 -2.05 -14.03 10.83
C ALA C 15 -1.42 -14.37 12.19
N ALA C 16 -1.13 -13.35 12.99
CA ALA C 16 -0.49 -13.54 14.30
C ALA C 16 -1.43 -13.92 15.45
N GLY C 17 -2.73 -13.92 15.20
CA GLY C 17 -3.69 -14.30 16.22
C GLY C 17 -3.85 -13.31 17.36
N GLN C 18 -3.67 -12.03 17.07
CA GLN C 18 -3.88 -11.00 18.09
C GLN C 18 -5.33 -10.51 18.16
N ASP C 19 -6.15 -11.24 18.89
CA ASP C 19 -7.54 -10.84 19.15
C ASP C 19 -7.70 -9.33 19.44
N ASP C 20 -7.13 -8.87 20.56
CA ASP C 20 -7.15 -7.46 20.97
C ASP C 20 -6.85 -6.50 19.81
N GLU C 21 -5.72 -6.70 19.15
CA GLU C 21 -5.28 -5.82 18.07
C GLU C 21 -6.27 -5.75 16.89
N VAL C 22 -6.81 -6.90 16.51
CA VAL C 22 -7.73 -6.95 15.39
C VAL C 22 -8.92 -6.08 15.70
N ARG C 23 -9.29 -6.06 16.98
CA ARG C 23 -10.37 -5.22 17.47
C ARG C 23 -10.04 -3.73 17.30
N ILE C 24 -8.81 -3.34 17.59
CA ILE C 24 -8.43 -1.93 17.48
C ILE C 24 -8.42 -1.42 16.04
N LEU C 25 -7.87 -2.20 15.12
CA LEU C 25 -7.87 -1.84 13.70
C LEU C 25 -9.29 -1.82 13.13
N MET C 26 -10.10 -2.80 13.49
CA MET C 26 -11.45 -2.88 12.95
C MET C 26 -12.30 -1.73 13.46
N ALA C 27 -12.40 -1.61 14.78
CA ALA C 27 -13.16 -0.51 15.37
C ALA C 27 -12.57 0.83 14.97
N ASN C 28 -11.38 0.82 14.37
CA ASN C 28 -10.75 2.08 13.96
C ASN C 28 -10.69 2.32 12.45
N GLY C 29 -11.41 1.51 11.67
CA GLY C 29 -11.62 1.78 10.25
C GLY C 29 -11.01 0.87 9.19
N ALA C 30 -10.07 0.01 9.55
CA ALA C 30 -9.42 -0.84 8.57
C ALA C 30 -10.39 -1.80 7.86
N ASP C 31 -10.19 -2.01 6.57
CA ASP C 31 -11.05 -2.92 5.82
C ASP C 31 -10.81 -4.39 6.11
N VAL C 32 -11.89 -5.06 6.52
CA VAL C 32 -11.86 -6.47 6.81
C VAL C 32 -11.57 -7.25 5.52
N ASN C 33 -11.77 -6.59 4.39
CA ASN C 33 -11.54 -7.23 3.10
C ASN C 33 -10.32 -6.77 2.32
N ALA C 34 -9.40 -6.09 3.00
CA ALA C 34 -8.11 -5.70 2.44
C ALA C 34 -7.41 -6.87 1.77
N THR C 35 -6.43 -6.59 0.91
CA THR C 35 -5.60 -7.62 0.29
C THR C 35 -4.15 -7.17 0.17
N ASP C 36 -3.26 -8.15 0.11
CA ASP C 36 -1.86 -7.89 -0.19
C ASP C 36 -1.61 -7.93 -1.70
N ASP C 37 -0.34 -7.93 -2.08
CA ASP C 37 0.00 -7.82 -3.50
C ASP C 37 -0.57 -8.98 -4.31
N ASN C 38 -0.75 -10.14 -3.69
CA ASN C 38 -1.21 -11.36 -4.39
C ASN C 38 -2.69 -11.76 -4.14
N GLY C 39 -3.46 -10.88 -3.51
CA GLY C 39 -4.88 -11.10 -3.32
C GLY C 39 -5.22 -11.92 -2.09
N LEU C 40 -4.31 -11.92 -1.11
CA LEU C 40 -4.58 -12.57 0.17
C LEU C 40 -5.35 -11.62 1.12
N THR C 41 -6.30 -12.16 1.86
CA THR C 41 -7.09 -11.39 2.81
C THR C 41 -6.88 -11.88 4.23
N PRO C 42 -7.26 -11.06 5.23
CA PRO C 42 -7.10 -11.46 6.63
C PRO C 42 -7.69 -12.82 6.97
N LEU C 43 -8.77 -13.21 6.30
CA LEU C 43 -9.40 -14.52 6.51
C LEU C 43 -8.50 -15.67 6.04
N HIS C 44 -7.93 -15.57 4.82
CA HIS C 44 -6.92 -16.53 4.34
C HIS C 44 -5.87 -16.85 5.43
N LEU C 45 -5.23 -15.80 5.94
CA LEU C 45 -4.14 -15.92 6.90
C LEU C 45 -4.63 -16.43 8.25
N ALA C 46 -5.80 -15.98 8.69
CA ALA C 46 -6.37 -16.49 9.94
C ALA C 46 -6.78 -17.97 9.86
N ALA C 47 -7.25 -18.40 8.69
CA ALA C 47 -7.61 -19.81 8.47
C ALA C 47 -6.38 -20.68 8.27
N ALA C 48 -5.35 -20.15 7.64
CA ALA C 48 -4.10 -20.90 7.45
C ALA C 48 -3.48 -21.25 8.79
N ASN C 49 -3.41 -20.26 9.67
CA ASN C 49 -2.71 -20.37 10.95
C ASN C 49 -3.56 -20.92 12.10
N GLY C 50 -4.84 -21.16 11.85
CA GLY C 50 -5.67 -21.85 12.84
C GLY C 50 -6.23 -20.98 13.95
N GLN C 51 -6.42 -19.70 13.67
CA GLN C 51 -6.89 -18.70 14.63
C GLN C 51 -8.42 -18.56 14.63
N LEU C 52 -9.07 -19.48 15.36
CA LEU C 52 -10.51 -19.67 15.30
C LEU C 52 -11.36 -18.44 15.61
N GLU C 53 -11.13 -17.85 16.78
CA GLU C 53 -11.93 -16.73 17.26
C GLU C 53 -11.80 -15.55 16.32
N ILE C 54 -10.62 -15.38 15.74
CA ILE C 54 -10.42 -14.33 14.75
C ILE C 54 -11.15 -14.65 13.45
N VAL C 55 -11.23 -15.93 13.09
CA VAL C 55 -12.06 -16.29 11.96
C VAL C 55 -13.52 -15.91 12.22
N GLU C 56 -14.02 -16.15 13.43
CA GLU C 56 -15.41 -15.79 13.75
C GLU C 56 -15.64 -14.27 13.67
N VAL C 57 -14.76 -13.47 14.24
CA VAL C 57 -14.96 -12.03 14.18
C VAL C 57 -14.80 -11.42 12.78
N LEU C 58 -14.02 -12.05 11.91
CA LEU C 58 -13.91 -11.52 10.56
C LEU C 58 -15.22 -11.72 9.80
N LEU C 59 -15.80 -12.91 9.96
CA LEU C 59 -17.05 -13.26 9.29
C LEU C 59 -18.25 -12.45 9.82
N LYS C 60 -18.24 -12.13 11.11
CA LYS C 60 -19.37 -11.41 11.70
C LYS C 60 -19.42 -10.01 11.14
N ASN C 61 -18.25 -9.48 10.82
CA ASN C 61 -18.15 -8.14 10.27
C ASN C 61 -18.11 -8.13 8.74
N GLY C 62 -18.44 -9.27 8.14
CA GLY C 62 -18.72 -9.34 6.71
C GLY C 62 -17.56 -9.60 5.77
N ALA C 63 -16.56 -10.31 6.25
CA ALA C 63 -15.47 -10.71 5.38
C ALA C 63 -16.01 -11.73 4.36
N ASP C 64 -15.59 -11.62 3.09
CA ASP C 64 -16.03 -12.58 2.09
C ASP C 64 -15.50 -13.97 2.40
N VAL C 65 -16.41 -14.92 2.63
CA VAL C 65 -16.01 -16.28 2.96
C VAL C 65 -15.34 -16.98 1.78
N ASN C 66 -15.63 -16.53 0.56
CA ASN C 66 -15.18 -17.19 -0.68
C ASN C 66 -14.16 -16.38 -1.48
N ALA C 67 -13.42 -15.50 -0.82
CA ALA C 67 -12.29 -14.83 -1.48
C ALA C 67 -11.14 -15.75 -1.98
N SER C 68 -10.64 -15.47 -3.19
CA SER C 68 -9.58 -16.25 -3.84
C SER C 68 -8.36 -15.40 -4.24
N ASP C 69 -7.18 -15.93 -4.02
CA ASP C 69 -5.99 -15.24 -4.51
C ASP C 69 -5.78 -15.48 -6.01
N SER C 70 -4.68 -14.98 -6.56
CA SER C 70 -4.40 -15.05 -8.00
C SER C 70 -4.03 -16.47 -8.47
N ALA C 71 -3.78 -17.34 -7.50
CA ALA C 71 -3.56 -18.77 -7.74
C ALA C 71 -4.84 -19.55 -7.39
N GLY C 72 -5.91 -18.80 -7.13
CA GLY C 72 -7.21 -19.40 -6.95
C GLY C 72 -7.39 -20.08 -5.63
N ILE C 73 -6.62 -19.67 -4.63
CA ILE C 73 -6.69 -20.27 -3.31
C ILE C 73 -7.68 -19.54 -2.44
N THR C 74 -8.40 -20.31 -1.64
CA THR C 74 -9.44 -19.81 -0.74
C THR C 74 -9.18 -20.18 0.72
N PRO C 75 -9.88 -19.51 1.68
CA PRO C 75 -9.67 -19.87 3.09
C PRO C 75 -9.94 -21.34 3.37
N LEU C 76 -10.95 -21.92 2.71
CA LEU C 76 -11.24 -23.34 2.90
C LEU C 76 -10.10 -24.27 2.42
N HIS C 77 -9.41 -23.89 1.34
CA HIS C 77 -8.19 -24.62 0.90
C HIS C 77 -7.16 -24.68 2.04
N LEU C 78 -6.92 -23.52 2.66
CA LEU C 78 -5.82 -23.40 3.59
C LEU C 78 -6.11 -24.10 4.91
N ALA C 79 -7.37 -24.01 5.38
CA ALA C 79 -7.79 -24.64 6.63
C ALA C 79 -7.81 -26.17 6.54
N ALA C 80 -8.10 -26.69 5.35
CA ALA C 80 -8.09 -28.13 5.13
C ALA C 80 -6.69 -28.71 4.91
N TYR C 81 -5.81 -28.00 4.20
CA TYR C 81 -4.45 -28.53 4.08
C TYR C 81 -3.69 -28.49 5.42
N ASP C 82 -3.98 -27.50 6.26
CA ASP C 82 -3.20 -27.31 7.49
C ASP C 82 -3.87 -27.88 8.72
N GLY C 83 -4.91 -28.68 8.50
CA GLY C 83 -5.53 -29.44 9.56
C GLY C 83 -6.37 -28.72 10.61
N HIS C 84 -6.99 -27.60 10.26
CA HIS C 84 -7.75 -26.87 11.26
C HIS C 84 -9.26 -27.10 11.12
N LEU C 85 -9.72 -28.11 11.83
CA LEU C 85 -11.07 -28.64 11.72
C LEU C 85 -12.15 -27.66 12.18
N GLU C 86 -12.10 -27.23 13.43
CA GLU C 86 -13.04 -26.23 13.94
C GLU C 86 -13.28 -25.13 12.92
N ILE C 87 -12.20 -24.70 12.27
CA ILE C 87 -12.26 -23.63 11.31
C ILE C 87 -12.95 -24.09 10.02
N VAL C 88 -12.75 -25.36 9.67
CA VAL C 88 -13.48 -25.95 8.54
C VAL C 88 -14.97 -25.93 8.85
N GLU C 89 -15.34 -26.43 10.04
CA GLU C 89 -16.73 -26.48 10.49
C GLU C 89 -17.41 -25.14 10.32
N VAL C 90 -16.74 -24.10 10.80
CA VAL C 90 -17.28 -22.74 10.74
C VAL C 90 -17.40 -22.21 9.31
N LEU C 91 -16.33 -22.35 8.54
CA LEU C 91 -16.29 -21.83 7.19
C LEU C 91 -17.50 -22.31 6.39
N LEU C 92 -17.76 -23.61 6.48
CA LEU C 92 -18.87 -24.24 5.79
C LEU C 92 -20.22 -23.71 6.30
N LYS C 93 -20.34 -23.51 7.61
CA LYS C 93 -21.53 -22.92 8.22
C LYS C 93 -21.83 -21.56 7.60
N HIS C 94 -20.78 -20.77 7.37
CA HIS C 94 -20.94 -19.48 6.71
C HIS C 94 -20.86 -19.54 5.17
N GLY C 95 -21.13 -20.70 4.61
CA GLY C 95 -21.27 -20.82 3.16
C GLY C 95 -20.04 -21.02 2.27
N ALA C 96 -18.95 -21.54 2.82
CA ALA C 96 -17.77 -21.74 1.99
C ALA C 96 -18.01 -22.73 0.85
N ASP C 97 -17.53 -22.42 -0.34
CA ASP C 97 -17.68 -23.31 -1.50
C ASP C 97 -16.87 -24.59 -1.33
N VAL C 98 -17.56 -25.69 -1.04
CA VAL C 98 -16.89 -26.93 -0.68
C VAL C 98 -16.19 -27.57 -1.87
N ASN C 99 -16.41 -27.00 -3.04
CA ASN C 99 -15.84 -27.55 -4.25
C ASN C 99 -15.16 -26.54 -5.14
N ALA C 100 -14.43 -25.62 -4.52
CA ALA C 100 -13.61 -24.65 -5.24
C ALA C 100 -12.26 -25.24 -5.69
N TYR C 101 -11.81 -24.84 -6.87
CA TYR C 101 -10.56 -25.28 -7.47
C TYR C 101 -9.50 -24.19 -7.53
N ASP C 102 -8.30 -24.51 -7.08
CA ASP C 102 -7.16 -23.60 -7.22
C ASP C 102 -6.49 -23.70 -8.58
N ARG C 103 -5.36 -23.02 -8.74
CA ARG C 103 -4.60 -23.07 -9.99
C ARG C 103 -4.19 -24.51 -10.39
N ALA C 104 -3.76 -25.33 -9.45
CA ALA C 104 -3.37 -26.71 -9.79
C ALA C 104 -4.60 -27.57 -10.10
N GLY C 105 -5.78 -27.03 -9.79
CA GLY C 105 -7.01 -27.73 -10.10
C GLY C 105 -7.42 -28.61 -8.93
N TRP C 106 -6.90 -28.27 -7.74
CA TRP C 106 -7.24 -28.97 -6.50
C TRP C 106 -8.42 -28.37 -5.74
N THR C 107 -9.20 -29.25 -5.11
CA THR C 107 -10.33 -28.84 -4.28
C THR C 107 -9.85 -29.05 -2.86
N PRO C 108 -10.67 -28.65 -1.87
CA PRO C 108 -10.28 -28.91 -0.47
C PRO C 108 -10.27 -30.40 -0.08
N LEU C 109 -11.05 -31.23 -0.78
CA LEU C 109 -10.95 -32.69 -0.70
C LEU C 109 -9.58 -33.26 -1.15
N HIS C 110 -9.12 -32.90 -2.34
CA HIS C 110 -7.77 -33.25 -2.75
C HIS C 110 -6.79 -32.89 -1.65
N LEU C 111 -7.02 -31.75 -1.02
CA LEU C 111 -6.03 -31.18 -0.11
C LEU C 111 -6.00 -31.87 1.24
N ALA C 112 -7.18 -32.21 1.75
CA ALA C 112 -7.25 -32.99 2.99
C ALA C 112 -6.65 -34.38 2.79
N ALA C 113 -6.76 -34.91 1.58
CA ALA C 113 -6.17 -36.20 1.25
C ALA C 113 -4.66 -36.09 1.22
N LEU C 114 -4.15 -34.92 0.82
CA LEU C 114 -2.72 -34.81 0.57
C LEU C 114 -1.89 -34.79 1.85
N SER C 115 -2.45 -34.21 2.90
CA SER C 115 -1.80 -34.25 4.19
C SER C 115 -2.55 -35.16 5.17
N GLY C 116 -3.50 -35.91 4.62
CA GLY C 116 -4.08 -37.05 5.32
C GLY C 116 -4.94 -36.78 6.54
N GLN C 117 -5.81 -35.77 6.47
CA GLN C 117 -6.74 -35.48 7.55
C GLN C 117 -8.01 -36.31 7.41
N LEU C 118 -8.16 -37.25 8.32
CA LEU C 118 -9.33 -38.11 8.40
C LEU C 118 -10.56 -37.27 8.75
N GLU C 119 -10.55 -36.64 9.91
CA GLU C 119 -11.73 -35.90 10.39
C GLU C 119 -12.15 -34.78 9.44
N ILE C 120 -11.21 -34.27 8.65
CA ILE C 120 -11.54 -33.21 7.69
C ILE C 120 -12.04 -33.80 6.36
N VAL C 121 -11.66 -35.03 6.11
CA VAL C 121 -12.24 -35.70 4.96
C VAL C 121 -13.71 -36.05 5.25
N GLU C 122 -13.99 -36.38 6.51
CA GLU C 122 -15.34 -36.77 6.94
C GLU C 122 -16.31 -35.62 6.76
N VAL C 123 -15.92 -34.47 7.28
CA VAL C 123 -16.78 -33.29 7.22
C VAL C 123 -17.04 -32.86 5.78
N LEU C 124 -16.01 -32.95 4.94
CA LEU C 124 -16.21 -32.53 3.56
C LEU C 124 -17.18 -33.43 2.78
N LEU C 125 -17.05 -34.72 2.94
CA LEU C 125 -17.98 -35.61 2.26
C LEU C 125 -19.40 -35.37 2.78
N LYS C 126 -19.50 -34.97 4.05
CA LYS C 126 -20.77 -34.63 4.67
C LYS C 126 -21.39 -33.44 3.95
N HIS C 127 -20.58 -32.43 3.66
CA HIS C 127 -21.10 -31.22 3.03
C HIS C 127 -21.07 -31.19 1.49
N GLY C 128 -21.15 -32.36 0.86
CA GLY C 128 -21.31 -32.45 -0.58
C GLY C 128 -20.06 -32.38 -1.46
N ALA C 129 -18.91 -32.78 -0.93
CA ALA C 129 -17.67 -32.71 -1.69
C ALA C 129 -17.65 -33.70 -2.84
N ASP C 130 -17.22 -33.24 -4.03
CA ASP C 130 -17.19 -34.09 -5.22
C ASP C 130 -16.06 -35.14 -5.22
N VAL C 131 -16.42 -36.35 -4.83
CA VAL C 131 -15.45 -37.42 -4.67
C VAL C 131 -14.81 -37.82 -6.02
N ASN C 132 -15.43 -37.42 -7.14
CA ASN C 132 -14.83 -37.61 -8.47
C ASN C 132 -14.23 -36.36 -9.12
N ALA C 133 -14.01 -35.30 -8.36
CA ALA C 133 -13.36 -34.14 -8.96
C ALA C 133 -11.95 -34.53 -9.39
N GLN C 134 -11.49 -33.94 -10.49
CA GLN C 134 -10.19 -34.25 -11.07
C GLN C 134 -9.32 -33.00 -11.19
N ASP C 135 -8.03 -33.14 -10.91
CA ASP C 135 -7.12 -32.01 -11.01
C ASP C 135 -6.52 -31.93 -12.41
N ALA C 136 -5.60 -31.00 -12.59
CA ALA C 136 -4.99 -30.74 -13.89
C ALA C 136 -4.44 -32.02 -14.48
N LEU C 137 -4.10 -32.96 -13.60
CA LEU C 137 -3.55 -34.24 -14.05
C LEU C 137 -4.56 -35.39 -14.00
N GLY C 138 -5.83 -35.06 -13.97
CA GLY C 138 -6.90 -36.04 -13.98
C GLY C 138 -6.96 -36.95 -12.77
N LEU C 139 -6.33 -36.56 -11.66
CA LEU C 139 -6.39 -37.39 -10.46
C LEU C 139 -7.45 -36.95 -9.46
N THR C 140 -8.00 -37.93 -8.74
CA THR C 140 -8.93 -37.65 -7.66
C THR C 140 -8.26 -37.73 -6.28
N ALA C 141 -8.99 -37.26 -5.27
CA ALA C 141 -8.64 -37.40 -3.87
C ALA C 141 -8.49 -38.89 -3.47
N PHE C 142 -9.10 -39.77 -4.26
CA PHE C 142 -8.99 -41.21 -4.10
C PHE C 142 -7.64 -41.71 -4.57
N ASP C 143 -7.28 -41.37 -5.80
CA ASP C 143 -6.01 -41.78 -6.39
C ASP C 143 -4.89 -41.43 -5.45
N ILE C 144 -5.02 -40.24 -4.86
CA ILE C 144 -3.98 -39.60 -4.07
C ILE C 144 -3.61 -40.34 -2.80
N SER C 145 -4.58 -40.52 -1.91
CA SER C 145 -4.32 -41.22 -0.65
C SER C 145 -3.81 -42.65 -0.87
N ILE C 146 -4.17 -43.23 -2.01
CA ILE C 146 -3.70 -44.56 -2.36
C ILE C 146 -2.23 -44.52 -2.75
N ASN C 147 -1.84 -43.52 -3.54
CA ASN C 147 -0.43 -43.30 -3.86
C ASN C 147 0.36 -43.21 -2.58
N GLN C 148 -0.23 -42.55 -1.60
CA GLN C 148 0.42 -42.27 -0.34
C GLN C 148 0.30 -43.41 0.67
N GLY C 149 -0.59 -44.37 0.39
CA GLY C 149 -0.57 -45.65 1.07
C GLY C 149 -1.46 -45.78 2.29
N GLN C 150 -2.52 -44.97 2.33
CA GLN C 150 -3.43 -44.97 3.46
C GLN C 150 -4.79 -45.49 3.02
N GLU C 151 -4.85 -46.80 2.83
CA GLU C 151 -6.00 -47.47 2.25
C GLU C 151 -7.32 -47.06 2.88
N ASP C 152 -7.32 -46.95 4.20
CA ASP C 152 -8.53 -46.61 4.92
C ASP C 152 -9.16 -45.32 4.42
N LEU C 153 -8.32 -44.31 4.18
CA LEU C 153 -8.79 -43.06 3.61
C LEU C 153 -9.39 -43.29 2.21
N ALA C 154 -8.61 -43.89 1.32
CA ALA C 154 -9.10 -44.28 0.00
C ALA C 154 -10.42 -45.03 0.13
N GLU C 155 -10.51 -45.87 1.15
CA GLU C 155 -11.73 -46.61 1.45
C GLU C 155 -12.89 -45.66 1.72
N ILE C 156 -12.67 -44.69 2.60
CA ILE C 156 -13.70 -43.69 2.87
C ILE C 156 -13.91 -42.67 1.74
N LEU C 157 -12.99 -42.63 0.78
CA LEU C 157 -13.04 -41.62 -0.29
C LEU C 157 -13.42 -42.24 -1.62
N GLN C 158 -14.09 -43.39 -1.56
CA GLN C 158 -14.52 -44.07 -2.77
C GLN C 158 -15.73 -43.41 -3.44
N ALA D 1 -7.76 6.12 -28.55
CA ALA D 1 -6.82 7.20 -28.89
C ALA D 1 -6.47 8.02 -27.66
N PHE D 2 -5.38 7.71 -26.95
CA PHE D 2 -4.40 6.63 -27.16
C PHE D 2 -3.10 7.28 -26.73
N GLY D 3 -2.74 8.37 -27.41
CA GLY D 3 -1.75 9.30 -26.88
C GLY D 3 -2.38 10.00 -25.69
N GLN D 4 -3.67 10.32 -25.79
CA GLN D 4 -4.41 11.01 -24.74
C GLN D 4 -4.30 10.29 -23.41
N ASP D 5 -4.74 9.02 -23.41
CA ASP D 5 -4.62 8.09 -22.30
C ASP D 5 -3.21 7.98 -21.68
N LEU D 6 -2.19 7.77 -22.51
CA LEU D 6 -0.81 7.75 -22.00
C LEU D 6 -0.44 9.04 -21.25
N GLY D 7 -0.84 10.17 -21.82
CA GLY D 7 -0.63 11.48 -21.22
C GLY D 7 -1.35 11.64 -19.89
N LYS D 8 -2.62 11.27 -19.82
CA LYS D 8 -3.35 11.22 -18.55
C LYS D 8 -2.61 10.37 -17.51
N LYS D 9 -2.07 9.23 -17.96
CA LYS D 9 -1.44 8.30 -17.04
C LYS D 9 -0.08 8.79 -16.56
N LEU D 10 0.67 9.47 -17.42
CA LEU D 10 1.92 10.03 -16.97
C LEU D 10 1.66 11.09 -15.88
N LEU D 11 0.56 11.82 -15.99
CA LEU D 11 0.18 12.80 -14.98
C LEU D 11 -0.03 12.17 -13.60
N GLU D 12 -0.97 11.22 -13.52
CA GLU D 12 -1.23 10.54 -12.26
C GLU D 12 0.07 9.91 -11.73
N ALA D 13 0.82 9.27 -12.62
CA ALA D 13 2.04 8.58 -12.26
C ALA D 13 3.05 9.52 -11.63
N ALA D 14 3.26 10.65 -12.28
CA ALA D 14 4.23 11.63 -11.81
C ALA D 14 3.76 12.33 -10.53
N ALA D 15 2.45 12.52 -10.39
CA ALA D 15 1.89 13.14 -9.19
C ALA D 15 2.13 12.24 -7.98
N ALA D 16 1.64 11.01 -8.08
CA ALA D 16 1.77 10.06 -6.98
C ALA D 16 3.23 9.64 -6.81
N GLY D 17 4.06 10.07 -7.77
CA GLY D 17 5.46 9.72 -7.77
C GLY D 17 5.73 8.24 -7.85
N GLN D 18 5.13 7.56 -8.81
CA GLN D 18 5.55 6.19 -9.07
C GLN D 18 6.61 6.13 -10.17
N ASP D 19 7.86 6.02 -9.72
CA ASP D 19 9.02 6.09 -10.63
C ASP D 19 9.00 5.02 -11.70
N ASP D 20 8.81 3.77 -11.27
CA ASP D 20 8.76 2.62 -12.16
C ASP D 20 7.72 2.81 -13.27
N GLU D 21 6.47 3.08 -12.90
CA GLU D 21 5.41 3.33 -13.87
C GLU D 21 5.79 4.47 -14.84
N VAL D 22 6.35 5.55 -14.31
CA VAL D 22 6.79 6.67 -15.14
C VAL D 22 7.77 6.22 -16.24
N ARG D 23 8.77 5.43 -15.89
CA ARG D 23 9.71 4.89 -16.87
C ARG D 23 9.02 4.08 -17.96
N ILE D 24 8.20 3.11 -17.55
CA ILE D 24 7.46 2.23 -18.47
C ILE D 24 6.54 3.02 -19.41
N LEU D 25 5.90 4.04 -18.87
CA LEU D 25 4.99 4.89 -19.62
C LEU D 25 5.75 5.77 -20.61
N MET D 26 6.92 6.25 -20.22
CA MET D 26 7.72 7.12 -21.08
C MET D 26 8.30 6.40 -22.29
N ALA D 27 8.76 5.17 -22.09
CA ALA D 27 9.32 4.36 -23.18
C ALA D 27 8.21 3.97 -24.17
N ASN D 28 7.01 3.77 -23.65
CA ASN D 28 5.84 3.51 -24.48
C ASN D 28 5.37 4.76 -25.25
N GLY D 29 6.20 5.79 -25.30
CA GLY D 29 5.89 6.99 -26.05
C GLY D 29 5.09 8.10 -25.37
N ALA D 30 4.78 7.94 -24.08
CA ALA D 30 4.09 9.02 -23.38
C ALA D 30 4.85 10.35 -23.57
N ASP D 31 4.14 11.35 -24.06
CA ASP D 31 4.74 12.67 -24.24
C ASP D 31 5.13 13.30 -22.91
N VAL D 32 6.39 13.69 -22.79
CA VAL D 32 6.90 14.20 -21.54
C VAL D 32 6.34 15.59 -21.23
N ASN D 33 5.77 16.26 -22.24
CA ASN D 33 5.21 17.60 -22.09
C ASN D 33 3.68 17.65 -22.16
N ALA D 34 3.04 16.53 -21.86
CA ALA D 34 1.58 16.40 -21.88
C ALA D 34 0.87 17.38 -20.93
N THR D 35 -0.32 17.84 -21.32
CA THR D 35 -1.07 18.81 -20.52
C THR D 35 -2.49 18.37 -20.22
N ASP D 36 -2.94 18.70 -19.01
CA ASP D 36 -4.32 18.48 -18.63
C ASP D 36 -5.17 19.64 -19.09
N ASP D 37 -6.36 19.76 -18.49
CA ASP D 37 -7.38 20.69 -18.97
C ASP D 37 -7.08 22.13 -18.62
N ASN D 38 -6.37 22.33 -17.51
CA ASN D 38 -6.01 23.70 -17.14
C ASN D 38 -4.54 24.02 -17.44
N GLY D 39 -3.85 23.10 -18.11
CA GLY D 39 -2.51 23.36 -18.57
C GLY D 39 -1.44 22.85 -17.62
N LEU D 40 -1.79 21.82 -16.86
CA LEU D 40 -0.84 21.16 -15.95
C LEU D 40 -0.01 20.10 -16.65
N THR D 41 1.29 20.14 -16.40
CA THR D 41 2.24 19.20 -16.96
C THR D 41 2.80 18.29 -15.85
N PRO D 42 3.26 17.09 -16.23
CA PRO D 42 3.87 16.14 -15.27
C PRO D 42 4.92 16.81 -14.36
N LEU D 43 5.63 17.79 -14.90
CA LEU D 43 6.61 18.54 -14.13
C LEU D 43 5.97 19.40 -13.02
N HIS D 44 4.82 20.02 -13.29
CA HIS D 44 4.13 20.81 -12.28
C HIS D 44 3.80 19.93 -11.07
N LEU D 45 3.20 18.77 -11.35
CA LEU D 45 2.72 17.88 -10.30
C LEU D 45 3.86 17.22 -9.51
N ALA D 46 4.88 16.74 -10.24
CA ALA D 46 6.10 16.19 -9.63
C ALA D 46 6.73 17.17 -8.63
N ALA D 47 6.82 18.43 -9.02
CA ALA D 47 7.41 19.48 -8.18
C ALA D 47 6.58 19.77 -6.92
N ALA D 48 5.28 19.84 -7.13
CA ALA D 48 4.33 20.26 -6.13
C ALA D 48 4.18 19.21 -5.04
N ASN D 49 4.18 17.95 -5.46
CA ASN D 49 4.06 16.82 -4.56
C ASN D 49 5.41 16.34 -4.04
N GLY D 50 6.48 16.90 -4.59
CA GLY D 50 7.81 16.72 -4.07
C GLY D 50 8.44 15.40 -4.43
N GLN D 51 8.46 15.11 -5.73
CA GLN D 51 8.96 13.82 -6.18
C GLN D 51 10.29 14.01 -6.91
N LEU D 52 11.35 14.23 -6.13
CA LEU D 52 12.65 14.68 -6.67
C LEU D 52 13.24 13.85 -7.83
N GLU D 53 13.07 12.53 -7.78
CA GLU D 53 13.71 11.67 -8.78
C GLU D 53 13.04 11.76 -10.15
N ILE D 54 11.71 11.87 -10.17
CA ILE D 54 10.95 12.06 -11.40
C ILE D 54 11.19 13.45 -11.99
N VAL D 55 11.18 14.44 -11.13
CA VAL D 55 11.57 15.79 -11.48
C VAL D 55 12.84 15.75 -12.35
N GLU D 56 13.88 15.03 -11.92
CA GLU D 56 15.16 14.97 -12.65
C GLU D 56 15.07 14.24 -14.01
N VAL D 57 14.35 13.12 -14.03
CA VAL D 57 14.23 12.31 -15.23
C VAL D 57 13.41 13.00 -16.30
N LEU D 58 12.38 13.75 -15.90
CA LEU D 58 11.56 14.51 -16.83
C LEU D 58 12.33 15.58 -17.62
N LEU D 59 13.29 16.22 -16.97
CA LEU D 59 14.02 17.31 -17.60
C LEU D 59 15.17 16.75 -18.41
N LYS D 60 15.90 15.81 -17.81
CA LYS D 60 16.95 15.11 -18.54
C LYS D 60 16.33 14.44 -19.78
N ASN D 61 15.02 14.63 -19.94
CA ASN D 61 14.28 14.08 -21.07
C ASN D 61 13.49 15.11 -21.84
N GLY D 62 13.79 16.40 -21.61
CA GLY D 62 13.19 17.48 -22.36
C GLY D 62 11.91 18.07 -21.79
N ALA D 63 11.64 17.89 -20.50
CA ALA D 63 10.49 18.55 -19.90
C ALA D 63 10.64 20.09 -19.99
N ASP D 64 9.54 20.80 -20.15
CA ASP D 64 9.57 22.25 -20.22
C ASP D 64 9.76 22.89 -18.83
N VAL D 65 10.99 23.33 -18.56
CA VAL D 65 11.35 23.82 -17.23
C VAL D 65 10.53 25.04 -16.83
N ASN D 66 10.00 25.75 -17.83
CA ASN D 66 9.34 27.01 -17.60
C ASN D 66 7.90 27.03 -18.05
N ALA D 67 7.25 25.87 -18.07
CA ALA D 67 5.85 25.81 -18.50
C ALA D 67 4.95 26.49 -17.47
N SER D 68 3.95 27.21 -17.95
CA SER D 68 2.99 27.82 -17.05
C SER D 68 1.58 27.37 -17.36
N ASP D 69 0.74 27.27 -16.34
CA ASP D 69 -0.67 27.00 -16.58
C ASP D 69 -1.49 28.25 -16.95
N SER D 70 -2.81 28.16 -16.86
CA SER D 70 -3.70 29.26 -17.26
C SER D 70 -3.68 30.40 -16.25
N ALA D 71 -3.26 30.07 -15.03
CA ALA D 71 -3.18 31.03 -13.95
C ALA D 71 -1.70 31.39 -13.76
N GLY D 72 -0.90 30.98 -14.74
CA GLY D 72 0.50 31.36 -14.81
C GLY D 72 1.33 30.87 -13.63
N ILE D 73 1.09 29.62 -13.26
CA ILE D 73 1.85 28.96 -12.21
C ILE D 73 2.85 28.10 -12.92
N THR D 74 4.02 27.95 -12.32
CA THR D 74 5.15 27.22 -12.89
C THR D 74 5.65 26.19 -11.89
N PRO D 75 6.45 25.22 -12.36
CA PRO D 75 6.93 24.25 -11.38
C PRO D 75 7.68 24.93 -10.23
N LEU D 76 8.41 26.00 -10.54
CA LEU D 76 9.15 26.65 -9.48
C LEU D 76 8.22 27.23 -8.40
N HIS D 77 7.10 27.82 -8.81
CA HIS D 77 6.10 28.34 -7.88
C HIS D 77 5.65 27.27 -6.91
N LEU D 78 5.21 26.13 -7.48
CA LEU D 78 4.75 25.00 -6.67
C LEU D 78 5.84 24.50 -5.71
N ALA D 79 7.07 24.42 -6.21
CA ALA D 79 8.17 23.87 -5.43
C ALA D 79 8.52 24.77 -4.27
N ALA D 80 8.46 26.08 -4.52
CA ALA D 80 8.77 27.05 -3.49
C ALA D 80 7.69 27.07 -2.40
N TYR D 81 6.42 27.00 -2.77
CA TYR D 81 5.41 27.10 -1.72
C TYR D 81 5.29 25.86 -0.81
N ASP D 82 5.42 24.68 -1.41
CA ASP D 82 5.21 23.41 -0.71
C ASP D 82 6.50 23.01 -0.03
N GLY D 83 7.53 23.85 -0.22
CA GLY D 83 8.78 23.76 0.52
C GLY D 83 9.71 22.62 0.17
N HIS D 84 9.88 22.35 -1.12
CA HIS D 84 10.75 21.24 -1.54
C HIS D 84 12.07 21.76 -2.10
N LEU D 85 13.05 21.86 -1.20
CA LEU D 85 14.31 22.54 -1.46
C LEU D 85 15.15 21.94 -2.58
N GLU D 86 15.40 20.63 -2.51
CA GLU D 86 16.23 19.94 -3.50
C GLU D 86 15.62 20.08 -4.90
N ILE D 87 14.29 20.12 -4.94
CA ILE D 87 13.58 20.34 -6.19
C ILE D 87 13.81 21.74 -6.74
N VAL D 88 13.77 22.75 -5.87
CA VAL D 88 14.06 24.11 -6.29
C VAL D 88 15.45 24.19 -6.95
N GLU D 89 16.47 23.63 -6.31
CA GLU D 89 17.83 23.69 -6.86
C GLU D 89 17.88 23.15 -8.29
N VAL D 90 17.38 21.94 -8.47
CA VAL D 90 17.28 21.32 -9.79
C VAL D 90 16.72 22.27 -10.84
N LEU D 91 15.54 22.83 -10.55
CA LEU D 91 14.82 23.69 -11.49
C LEU D 91 15.66 24.88 -11.96
N LEU D 92 16.20 25.62 -11.00
CA LEU D 92 17.09 26.75 -11.30
C LEU D 92 18.35 26.31 -12.04
N LYS D 93 18.88 25.15 -11.65
CA LYS D 93 20.08 24.58 -12.28
C LYS D 93 19.82 24.32 -13.76
N HIS D 94 18.58 23.98 -14.08
CA HIS D 94 18.20 23.74 -15.47
C HIS D 94 17.48 24.95 -16.09
N GLY D 95 17.71 26.13 -15.50
CA GLY D 95 17.32 27.39 -16.11
C GLY D 95 15.93 27.94 -15.88
N ALA D 96 15.22 27.51 -14.83
CA ALA D 96 13.89 28.06 -14.56
C ALA D 96 13.91 29.52 -14.13
N ASP D 97 12.90 30.29 -14.55
CA ASP D 97 12.86 31.72 -14.25
C ASP D 97 12.68 31.99 -12.76
N VAL D 98 13.55 32.81 -12.18
CA VAL D 98 13.49 33.06 -10.74
C VAL D 98 12.52 34.18 -10.34
N ASN D 99 12.01 34.91 -11.34
CA ASN D 99 11.15 36.05 -11.10
C ASN D 99 9.90 36.05 -11.97
N ALA D 100 9.33 34.88 -12.18
CA ALA D 100 8.09 34.78 -12.94
C ALA D 100 6.86 35.16 -12.09
N TYR D 101 5.94 35.88 -12.70
CA TYR D 101 4.74 36.32 -12.01
C TYR D 101 3.55 35.41 -12.28
N ASP D 102 2.90 34.97 -11.21
CA ASP D 102 1.67 34.19 -11.37
C ASP D 102 0.45 35.11 -11.46
N ARG D 103 -0.73 34.52 -11.55
CA ARG D 103 -1.95 35.30 -11.62
C ARG D 103 -2.05 36.37 -10.55
N ALA D 104 -1.83 36.02 -9.29
CA ALA D 104 -1.86 37.00 -8.18
C ALA D 104 -0.69 38.00 -8.13
N GLY D 105 0.17 37.96 -9.15
CA GLY D 105 1.30 38.87 -9.22
C GLY D 105 2.41 38.38 -8.31
N TRP D 106 2.38 37.09 -8.00
CA TRP D 106 3.35 36.47 -7.10
C TRP D 106 4.53 35.88 -7.82
N THR D 107 5.70 36.06 -7.22
CA THR D 107 6.93 35.45 -7.66
C THR D 107 7.25 34.30 -6.73
N PRO D 108 8.24 33.47 -7.07
CA PRO D 108 8.58 32.37 -6.14
C PRO D 108 9.06 32.87 -4.77
N LEU D 109 9.80 33.99 -4.77
CA LEU D 109 10.18 34.64 -3.52
C LEU D 109 8.98 35.00 -2.62
N HIS D 110 7.92 35.55 -3.21
CA HIS D 110 6.69 35.78 -2.44
C HIS D 110 6.17 34.50 -1.78
N LEU D 111 6.16 33.39 -2.52
CA LEU D 111 5.55 32.17 -2.00
C LEU D 111 6.39 31.56 -0.88
N ALA D 112 7.72 31.68 -0.99
CA ALA D 112 8.63 31.16 0.01
C ALA D 112 8.37 31.92 1.29
N ALA D 113 8.16 33.21 1.14
CA ALA D 113 7.84 34.07 2.25
C ALA D 113 6.56 33.61 2.95
N LEU D 114 5.51 33.32 2.19
CA LEU D 114 4.21 33.01 2.78
C LEU D 114 4.26 31.73 3.61
N SER D 115 4.86 30.70 3.02
CA SER D 115 5.02 29.43 3.71
C SER D 115 6.19 29.41 4.68
N GLY D 116 6.98 30.48 4.70
CA GLY D 116 8.08 30.59 5.67
C GLY D 116 9.23 29.60 5.50
N GLN D 117 9.77 29.54 4.29
CA GLN D 117 10.84 28.61 3.97
C GLN D 117 12.18 29.28 3.85
N LEU D 118 12.88 29.36 4.99
CA LEU D 118 14.15 30.06 5.08
C LEU D 118 15.18 29.61 4.02
N GLU D 119 15.45 28.30 3.95
CA GLU D 119 16.52 27.78 3.11
C GLU D 119 16.21 27.98 1.63
N ILE D 120 14.93 28.10 1.31
CA ILE D 120 14.53 28.30 -0.08
C ILE D 120 14.65 29.77 -0.50
N VAL D 121 14.30 30.67 0.41
CA VAL D 121 14.52 32.08 0.19
C VAL D 121 16.00 32.36 -0.10
N GLU D 122 16.88 31.89 0.78
CA GLU D 122 18.32 32.07 0.58
C GLU D 122 18.74 31.67 -0.84
N VAL D 123 18.39 30.45 -1.23
CA VAL D 123 18.74 29.94 -2.56
C VAL D 123 18.20 30.81 -3.70
N LEU D 124 16.96 31.29 -3.57
CA LEU D 124 16.38 32.19 -4.56
C LEU D 124 17.18 33.49 -4.73
N LEU D 125 17.58 34.11 -3.62
CA LEU D 125 18.28 35.38 -3.67
C LEU D 125 19.67 35.21 -4.32
N LYS D 126 20.32 34.09 -4.01
CA LYS D 126 21.59 33.69 -4.62
C LYS D 126 21.45 33.57 -6.16
N HIS D 127 20.27 33.21 -6.64
CA HIS D 127 20.04 33.13 -8.09
C HIS D 127 19.34 34.36 -8.66
N GLY D 128 19.38 35.47 -7.93
CA GLY D 128 18.88 36.74 -8.41
C GLY D 128 17.39 37.04 -8.24
N ALA D 129 16.72 36.31 -7.34
CA ALA D 129 15.33 36.63 -7.04
C ALA D 129 15.29 38.11 -6.72
N ASP D 130 14.22 38.76 -7.15
CA ASP D 130 14.08 40.21 -7.03
C ASP D 130 13.31 40.62 -5.78
N VAL D 131 14.02 41.15 -4.80
CA VAL D 131 13.42 41.44 -3.50
C VAL D 131 12.46 42.62 -3.55
N ASN D 132 12.50 43.37 -4.65
CA ASN D 132 11.61 44.52 -4.82
C ASN D 132 10.33 44.23 -5.58
N ALA D 133 10.20 43.03 -6.12
CA ALA D 133 8.99 42.70 -6.85
C ALA D 133 7.81 42.87 -5.91
N GLN D 134 6.75 43.47 -6.42
CA GLN D 134 5.52 43.65 -5.65
C GLN D 134 4.42 42.86 -6.33
N ASP D 135 3.39 42.47 -5.58
CA ASP D 135 2.26 41.75 -6.17
C ASP D 135 1.11 42.69 -6.57
N ALA D 136 -0.10 42.13 -6.64
CA ALA D 136 -1.26 42.90 -7.05
C ALA D 136 -1.77 43.86 -5.96
N LEU D 137 -1.52 43.52 -4.70
CA LEU D 137 -1.80 44.43 -3.59
C LEU D 137 -0.61 45.34 -3.33
N GLY D 138 0.44 45.15 -4.13
CA GLY D 138 1.63 45.98 -4.05
C GLY D 138 2.59 45.60 -2.96
N LEU D 139 2.47 44.38 -2.45
CA LEU D 139 3.33 43.92 -1.34
C LEU D 139 4.58 43.21 -1.84
N THR D 140 5.70 43.52 -1.22
CA THR D 140 6.94 42.80 -1.43
C THR D 140 6.90 41.53 -0.58
N ALA D 141 7.80 40.59 -0.86
CA ALA D 141 7.95 39.39 -0.02
C ALA D 141 8.25 39.75 1.45
N PHE D 142 8.99 40.85 1.64
CA PHE D 142 9.34 41.34 2.98
C PHE D 142 8.12 41.84 3.77
N ASP D 143 7.25 42.60 3.12
CA ASP D 143 6.03 43.03 3.76
C ASP D 143 5.31 41.81 4.29
N ILE D 144 5.31 40.77 3.46
CA ILE D 144 4.64 39.51 3.79
C ILE D 144 5.15 38.81 5.06
N SER D 145 6.46 38.73 5.24
CA SER D 145 7.06 38.16 6.45
C SER D 145 6.72 38.96 7.72
N ILE D 146 6.77 40.28 7.59
CA ILE D 146 6.46 41.18 8.69
C ILE D 146 5.02 41.02 9.13
N ASN D 147 4.12 41.04 8.15
CA ASN D 147 2.71 40.91 8.44
C ASN D 147 2.44 39.59 9.15
N GLN D 148 3.28 38.60 8.92
CA GLN D 148 3.08 37.31 9.51
C GLN D 148 3.84 37.13 10.82
N GLY D 149 4.51 38.20 11.25
CA GLY D 149 5.22 38.19 12.51
C GLY D 149 6.44 37.29 12.45
N GLN D 150 7.18 37.39 11.35
CA GLN D 150 8.45 36.70 11.21
C GLN D 150 9.58 37.64 10.82
N GLU D 151 9.99 38.44 11.79
CA GLU D 151 10.96 39.49 11.59
C GLU D 151 12.33 38.99 11.13
N ASP D 152 12.74 37.82 11.61
CA ASP D 152 14.06 37.27 11.30
C ASP D 152 14.12 36.73 9.88
N LEU D 153 12.95 36.37 9.35
CA LEU D 153 12.87 36.06 7.94
C LEU D 153 12.82 37.33 7.12
N ALA D 154 12.03 38.31 7.54
CA ALA D 154 12.00 39.61 6.86
C ALA D 154 13.39 40.25 6.91
N GLU D 155 14.20 39.73 7.84
CA GLU D 155 15.59 40.13 8.05
C GLU D 155 16.37 40.11 6.74
N ILE D 156 16.46 38.93 6.13
CA ILE D 156 17.27 38.79 4.93
C ILE D 156 16.47 39.10 3.68
N LEU D 157 15.22 39.52 3.85
CA LEU D 157 14.34 39.81 2.72
C LEU D 157 14.24 41.31 2.39
N GLN D 158 15.03 42.12 3.09
CA GLN D 158 14.98 43.59 2.93
C GLN D 158 15.31 44.03 1.50
N1A COA E . 9.26 -11.88 1.77
C2A COA E . 10.14 -11.95 2.84
N3A COA E . 9.66 -11.84 4.15
C4A COA E . 8.34 -11.66 4.37
C5A COA E . 7.45 -11.60 3.32
C6A COA E . 7.98 -11.73 1.96
N6A COA E . 7.09 -11.67 0.83
N7A COA E . 6.19 -11.44 3.83
C8A COA E . 6.28 -11.39 5.15
N9A COA E . 7.63 -11.52 5.49
C1B COA E . 8.18 -11.58 6.80
C2B COA E . 7.57 -10.73 7.94
O2B COA E . 7.25 -9.39 7.90
C3B COA E . 7.94 -11.51 9.17
O3B COA E . 8.65 -11.12 10.30
P3B COA E . 8.39 -9.83 11.16
O7A COA E . 9.63 -9.46 11.94
O8A COA E . 8.03 -8.63 10.22
O9A COA E . 7.26 -10.22 12.16
C4B COA E . 7.85 -12.91 8.62
O4B COA E . 8.62 -12.84 7.40
C5B COA E . 6.74 -13.87 8.83
O5B COA E . 5.79 -13.61 7.83
P1A COA E . 4.31 -14.10 7.92
O1A COA E . 4.22 -15.50 7.24
O2A COA E . 3.42 -13.16 7.16
O3A COA E . 3.84 -14.20 9.43
P2A COA E . 3.14 -15.52 9.95
O4A COA E . 2.73 -15.36 11.45
O5A COA E . 1.95 -15.88 9.09
O6A COA E . 4.26 -16.64 9.78
CBP COA E . 5.69 -18.44 10.48
CCP COA E . 4.35 -17.76 10.62
CDP COA E . 5.82 -19.01 9.07
CEP COA E . 6.77 -17.45 10.71
CAP COA E . 5.80 -19.56 11.52
OAP COA E . 4.85 -20.55 11.39
C9P COA E . 7.20 -20.16 11.62
O9P COA E . 8.09 -19.57 12.19
N8P COA E . 7.44 -21.44 10.94
C7P COA E . 8.72 -22.16 11.10
C6P COA E . 9.06 -22.56 12.54
C5P COA E . 10.19 -23.56 12.57
O5P COA E . 10.65 -23.96 11.52
N4P COA E . 10.95 -23.70 13.79
C3P COA E . 12.06 -24.61 13.82
C2P COA E . 12.72 -24.76 15.17
S1P COA E . 14.14 -25.83 15.21
N1A COA F . -12.56 17.05 -9.47
C2A COA F . -12.84 16.02 -8.56
N3A COA F . -11.87 15.06 -8.29
C4A COA F . -10.67 15.11 -8.89
C5A COA F . -10.38 16.09 -9.77
C6A COA F . -11.40 17.10 -10.06
N6A COA F . -11.10 18.15 -10.99
N7A COA F . -9.11 15.90 -10.23
C8A COA F . -8.63 14.84 -9.66
N9A COA F . -9.61 14.32 -8.82
C1B COA F . -9.48 13.14 -8.00
C2B COA F . -8.88 11.85 -8.62
O2B COA F . -9.14 11.31 -9.87
C3B COA F . -8.43 11.11 -7.40
O3B COA F . -8.77 9.81 -7.00
P3B COA F . -8.59 8.52 -7.88
O7A COA F . -9.46 7.45 -7.26
O8A COA F . -8.98 8.80 -9.36
O9A COA F . -7.11 8.03 -7.83
C4B COA F . -7.94 12.25 -6.53
O4B COA F . -9.07 13.16 -6.59
C5B COA F . -6.53 12.69 -6.28
O5B COA F . -5.94 13.18 -7.45
P1A COA F . -4.68 14.09 -7.41
O1A COA F . -4.80 15.10 -6.23
O2A COA F . -4.53 14.85 -8.70
O3A COA F . -3.46 13.10 -7.28
P2A COA F . -2.32 13.28 -6.23
O4A COA F . -1.27 12.13 -6.32
O5A COA F . -1.68 14.62 -6.39
O6A COA F . -3.02 13.22 -4.83
CBP COA F . -3.55 14.03 -2.61
CCP COA F . -2.51 13.85 -3.72
CDP COA F . -4.07 15.44 -2.58
CEP COA F . -4.71 13.12 -2.90
CAP COA F . -2.90 13.68 -1.27
OAP COA F . -1.81 14.48 -0.96
C9P COA F . -3.89 13.63 -0.12
O9P COA F . -4.50 12.62 0.19
N8P COA F . -3.95 14.85 0.71
C7P COA F . -4.71 14.91 1.96
C6P COA F . -4.17 14.12 3.14
C5P COA F . -5.11 14.19 4.29
O5P COA F . -5.72 15.22 4.54
N4P COA F . -5.30 12.99 5.05
C3P COA F . -5.85 13.09 6.36
C2P COA F . -5.20 12.21 7.40
S1P COA F . -6.11 12.06 8.90
#